data_6YYK
#
_entry.id   6YYK
#
_cell.length_a   48.199
_cell.length_b   60.344
_cell.length_c   58.058
_cell.angle_alpha   90.000
_cell.angle_beta   96.570
_cell.angle_gamma   90.000
#
_symmetry.space_group_name_H-M   'P 1 21 1'
#
loop_
_entity.id
_entity.type
_entity.pdbx_description
1 polymer 'Tyrosine-protein kinase BTK'
2 non-polymer 'ZINC ION'
3 non-polymer 'MAGNESIUM ION'
4 non-polymer 1,5-dimethyl-3~{H}-indol-2-one
5 water water
#
_entity_poly.entity_id   1
_entity_poly.type   'polypeptide(L)'
_entity_poly.pdbx_seq_one_letter_code
;AAVILESIFLKRSQQKKKTSPLNFKKCLFLLTVHKLSYYEYDFERGRRGSKKGSIDVEKITCVETVVPEKNPPPERQIPR
RGEESSEMEQISIIERFPYPFQVVYDEGPLYVFSPTEELRKRWIHQLKNVIRYNSDLVQKYHPCFWIDGQYLCCSQTAKN
AMGCQILEN
;
_entity_poly.pdbx_strand_id   A,B
#
# COMPACT_ATOMS: atom_id res chain seq x y z
N ALA A 1 11.32 -8.38 -10.33
CA ALA A 1 12.43 -9.02 -11.11
C ALA A 1 13.72 -8.22 -10.91
N ALA A 2 14.17 -7.47 -11.91
CA ALA A 2 15.27 -6.49 -11.79
C ALA A 2 14.67 -5.08 -11.72
N VAL A 3 15.18 -4.28 -10.79
CA VAL A 3 14.85 -2.84 -10.60
C VAL A 3 15.41 -2.08 -11.81
N ILE A 4 14.56 -1.37 -12.55
CA ILE A 4 14.98 -0.53 -13.69
C ILE A 4 15.39 0.84 -13.12
N LEU A 5 14.63 1.36 -12.14
CA LEU A 5 14.88 2.70 -11.54
C LEU A 5 14.60 2.69 -10.04
N GLU A 6 15.41 3.45 -9.34
CA GLU A 6 15.31 3.68 -7.89
C GLU A 6 15.50 5.18 -7.69
N SER A 7 14.57 5.85 -7.02
CA SER A 7 14.68 7.31 -6.76
C SER A 7 13.93 7.67 -5.51
N ILE A 8 14.32 8.79 -4.91
CA ILE A 8 13.56 9.42 -3.81
C ILE A 8 12.81 10.58 -4.43
N PHE A 9 11.49 10.56 -4.33
CA PHE A 9 10.61 11.62 -4.87
C PHE A 9 9.64 12.06 -3.78
N LEU A 10 9.12 13.26 -3.97
CA LEU A 10 7.95 13.80 -3.26
C LEU A 10 6.67 13.29 -3.95
N LYS A 11 5.83 12.58 -3.21
CA LYS A 11 4.51 12.05 -3.66
C LYS A 11 3.39 12.84 -2.95
N ARG A 12 2.45 13.41 -3.68
CA ARG A 12 1.21 13.95 -3.07
C ARG A 12 0.29 12.80 -2.66
N SER A 13 -0.18 12.76 -1.41
CA SER A 13 -1.03 11.64 -0.87
C SER A 13 -2.42 11.71 -1.49
N GLN A 14 -3.22 10.64 -1.35
CA GLN A 14 -4.62 10.58 -1.82
C GLN A 14 -5.47 11.55 -0.99
N GLN A 15 -5.99 12.61 -1.64
CA GLN A 15 -6.69 13.74 -0.97
C GLN A 15 -8.00 13.23 -0.38
N LYS A 16 -8.24 13.51 0.92
CA LYS A 16 -9.33 12.90 1.74
C LYS A 16 -10.64 13.66 1.55
N LYS A 17 -10.58 14.98 1.39
CA LYS A 17 -11.75 15.84 1.08
C LYS A 17 -11.27 17.09 0.34
N LYS A 18 -12.21 17.80 -0.29
CA LYS A 18 -11.95 19.04 -1.08
C LYS A 18 -11.61 20.20 -0.13
N THR A 19 -11.79 20.01 1.18
CA THR A 19 -11.46 20.97 2.26
C THR A 19 -10.53 20.33 3.31
N SER A 20 -9.77 19.28 2.94
CA SER A 20 -8.71 18.62 3.77
C SER A 20 -7.32 18.89 3.20
N PRO A 21 -6.30 19.25 4.03
CA PRO A 21 -5.02 19.75 3.51
C PRO A 21 -4.22 18.70 2.71
N LEU A 22 -3.42 19.16 1.73
CA LEU A 22 -2.57 18.31 0.85
C LEU A 22 -1.31 17.90 1.61
N ASN A 23 -1.15 16.61 1.86
CA ASN A 23 0.06 16.01 2.47
C ASN A 23 0.99 15.51 1.36
N PHE A 24 2.20 16.09 1.28
CA PHE A 24 3.34 15.58 0.48
C PHE A 24 4.22 14.68 1.34
N LYS A 25 4.76 13.62 0.75
CA LYS A 25 5.57 12.58 1.42
C LYS A 25 6.76 12.25 0.52
N LYS A 26 7.97 12.35 1.08
CA LYS A 26 9.25 11.88 0.49
C LYS A 26 9.24 10.35 0.57
N CYS A 27 9.39 9.68 -0.56
CA CYS A 27 9.27 8.21 -0.68
C CYS A 27 10.36 7.69 -1.63
N LEU A 28 10.72 6.41 -1.41
CA LEU A 28 11.58 5.59 -2.29
C LEU A 28 10.68 4.94 -3.35
N PHE A 29 10.87 5.30 -4.61
CA PHE A 29 10.12 4.74 -5.77
C PHE A 29 11.00 3.74 -6.52
N LEU A 30 10.43 2.56 -6.75
CA LEU A 30 11.04 1.46 -7.53
C LEU A 30 10.17 1.17 -8.74
N LEU A 31 10.81 0.98 -9.89
CA LEU A 31 10.13 0.53 -11.12
C LEU A 31 10.74 -0.80 -11.57
N THR A 32 9.90 -1.84 -11.66
CA THR A 32 10.21 -3.12 -12.36
C THR A 32 9.35 -3.22 -13.62
N VAL A 33 9.62 -4.20 -14.48
CA VAL A 33 8.76 -4.49 -15.65
C VAL A 33 7.34 -4.82 -15.16
N HIS A 34 7.19 -5.31 -13.93
CA HIS A 34 5.88 -5.74 -13.39
C HIS A 34 5.25 -4.64 -12.54
N LYS A 35 5.97 -4.07 -11.58
CA LYS A 35 5.36 -3.15 -10.60
C LYS A 35 6.07 -1.80 -10.55
N LEU A 36 5.30 -0.77 -10.20
CA LEU A 36 5.78 0.55 -9.72
C LEU A 36 5.36 0.66 -8.27
N SER A 37 6.30 0.73 -7.35
CA SER A 37 5.94 0.75 -5.92
C SER A 37 6.70 1.87 -5.22
N TYR A 38 6.11 2.38 -4.14
CA TYR A 38 6.74 3.36 -3.23
C TYR A 38 6.95 2.64 -1.90
N TYR A 39 8.07 2.95 -1.26
CA TYR A 39 8.38 2.49 0.11
C TYR A 39 8.70 3.70 0.98
N GLU A 40 8.56 3.51 2.29
CA GLU A 40 9.14 4.43 3.29
C GLU A 40 10.66 4.29 3.14
N TYR A 41 11.39 5.38 3.35
CA TYR A 41 12.87 5.36 3.23
C TYR A 41 13.49 5.43 4.63
N ASP A 42 14.20 4.36 5.00
CA ASP A 42 15.11 4.31 6.17
C ASP A 42 16.36 5.14 5.85
N PHE A 43 16.35 6.43 6.16
CA PHE A 43 17.50 7.32 5.92
C PHE A 43 18.71 6.86 6.74
N GLU A 44 18.50 6.46 8.00
CA GLU A 44 19.58 6.17 8.97
C GLU A 44 20.34 4.93 8.49
N ARG A 45 19.62 3.90 8.07
CA ARG A 45 20.26 2.65 7.60
C ARG A 45 20.53 2.71 6.10
N GLY A 46 20.10 3.77 5.40
CA GLY A 46 20.25 3.93 3.94
C GLY A 46 19.63 2.77 3.17
N ARG A 47 18.36 2.47 3.42
CA ARG A 47 17.65 1.38 2.69
C ARG A 47 16.15 1.67 2.66
N ARG A 48 15.37 0.88 1.92
CA ARG A 48 13.89 1.06 1.84
C ARG A 48 13.26 0.41 3.07
N GLY A 49 12.25 1.09 3.64
CA GLY A 49 11.45 0.61 4.79
C GLY A 49 10.25 -0.19 4.32
N SER A 50 9.10 -0.01 4.99
CA SER A 50 7.84 -0.72 4.70
C SER A 50 7.35 -0.35 3.29
N LYS A 51 6.70 -1.29 2.61
CA LYS A 51 6.04 -1.06 1.29
C LYS A 51 4.74 -0.28 1.53
N LYS A 52 4.68 0.94 1.01
CA LYS A 52 3.56 1.90 1.18
C LYS A 52 2.48 1.63 0.14
N GLY A 53 2.87 1.32 -1.10
CA GLY A 53 1.93 1.03 -2.20
C GLY A 53 2.62 0.60 -3.49
N SER A 54 1.92 -0.23 -4.27
CA SER A 54 2.35 -0.93 -5.51
C SER A 54 1.29 -0.72 -6.60
N ILE A 55 1.67 -0.29 -7.80
CA ILE A 55 0.74 -0.23 -8.97
C ILE A 55 1.26 -1.21 -10.02
N ASP A 56 0.43 -2.20 -10.39
CA ASP A 56 0.71 -3.14 -11.52
C ASP A 56 0.93 -2.32 -12.77
N VAL A 57 2.05 -2.51 -13.44
CA VAL A 57 2.45 -1.74 -14.66
C VAL A 57 1.31 -1.80 -15.70
N GLU A 58 0.56 -2.90 -15.77
CA GLU A 58 -0.46 -3.11 -16.82
C GLU A 58 -1.67 -2.20 -16.57
N LYS A 59 -1.94 -1.81 -15.32
CA LYS A 59 -3.14 -0.99 -14.97
C LYS A 59 -2.86 0.48 -15.25
N ILE A 60 -1.62 0.83 -15.61
CA ILE A 60 -1.26 2.24 -15.97
C ILE A 60 -1.78 2.50 -17.39
N THR A 61 -2.42 3.65 -17.56
CA THR A 61 -3.13 4.10 -18.77
C THR A 61 -2.36 5.25 -19.41
N CYS A 62 -1.55 5.98 -18.63
CA CYS A 62 -0.97 7.27 -19.06
C CYS A 62 0.18 7.67 -18.12
N VAL A 63 1.21 8.35 -18.69
CA VAL A 63 2.33 8.97 -17.95
C VAL A 63 2.76 10.22 -18.70
N GLU A 64 2.72 11.38 -18.07
CA GLU A 64 3.17 12.64 -18.69
C GLU A 64 3.69 13.58 -17.63
N THR A 65 4.16 14.73 -18.08
CA THR A 65 4.42 15.89 -17.23
C THR A 65 3.09 16.50 -16.78
N VAL A 66 3.15 17.25 -15.67
CA VAL A 66 2.08 18.15 -15.18
C VAL A 66 2.63 19.57 -15.31
N VAL A 67 1.73 20.50 -15.59
CA VAL A 67 1.98 21.96 -15.49
C VAL A 67 2.34 22.18 -14.03
N PRO A 68 3.48 22.81 -13.73
CA PRO A 68 3.89 23.04 -12.33
C PRO A 68 2.97 24.04 -11.63
N GLU A 69 2.85 23.94 -10.30
CA GLU A 69 2.13 24.92 -9.42
C GLU A 69 2.46 26.37 -9.77
N LYS A 70 1.55 27.30 -9.49
CA LYS A 70 1.81 28.74 -9.73
C LYS A 70 2.69 29.28 -8.62
N ASN A 71 2.29 29.14 -7.35
CA ASN A 71 3.08 29.63 -6.18
C ASN A 71 3.51 28.39 -5.38
N PRO A 72 4.54 27.62 -5.80
CA PRO A 72 4.96 26.45 -5.01
C PRO A 72 5.68 26.94 -3.76
N PRO A 73 5.71 26.12 -2.69
CA PRO A 73 6.62 26.37 -1.57
C PRO A 73 8.08 26.27 -2.02
N PRO A 74 9.06 26.79 -1.25
CA PRO A 74 10.47 26.70 -1.64
C PRO A 74 10.95 25.26 -1.94
N GLU A 75 10.44 24.29 -1.18
CA GLU A 75 10.62 22.82 -1.39
C GLU A 75 10.39 22.43 -2.89
N ARG A 76 9.57 23.17 -3.65
CA ARG A 76 9.24 22.85 -5.06
C ARG A 76 9.45 24.05 -5.98
N GLN A 77 10.29 25.01 -5.62
CA GLN A 77 10.58 26.14 -6.55
C GLN A 77 11.59 25.64 -7.60
N ILE A 78 11.20 25.76 -8.87
CA ILE A 78 12.03 25.45 -10.07
C ILE A 78 13.12 26.50 -10.10
N PRO A 79 14.41 26.14 -10.13
CA PRO A 79 15.48 27.13 -10.13
C PRO A 79 15.64 27.85 -11.48
N ARG A 80 16.41 28.94 -11.55
CA ARG A 80 16.67 29.65 -12.82
C ARG A 80 17.51 28.73 -13.71
N ARG A 81 17.59 29.03 -15.01
CA ARG A 81 18.32 28.27 -16.06
C ARG A 81 19.83 28.24 -15.69
N GLY A 82 20.46 27.05 -15.69
CA GLY A 82 21.90 26.83 -15.43
C GLY A 82 22.35 27.39 -14.09
N GLU A 87 26.40 20.80 -12.16
CA GLU A 87 26.59 19.45 -11.56
C GLU A 87 25.54 19.24 -10.45
N MET A 88 25.52 18.04 -9.84
CA MET A 88 24.57 17.61 -8.78
C MET A 88 24.95 18.29 -7.46
N GLU A 89 24.03 18.32 -6.49
CA GLU A 89 24.31 18.74 -5.09
C GLU A 89 23.56 17.81 -4.13
N GLN A 90 24.29 17.21 -3.20
CA GLN A 90 23.78 16.10 -2.38
C GLN A 90 22.49 16.53 -1.65
N ILE A 91 22.47 17.75 -1.12
CA ILE A 91 21.39 18.25 -0.22
C ILE A 91 20.15 18.62 -1.07
N SER A 92 20.35 19.50 -2.04
CA SER A 92 19.26 19.99 -2.89
C SER A 92 18.61 18.82 -3.61
N ILE A 93 19.31 17.72 -3.89
CA ILE A 93 18.69 16.59 -4.66
C ILE A 93 17.84 15.70 -3.73
N ILE A 94 17.86 15.93 -2.43
CA ILE A 94 16.85 15.24 -1.55
C ILE A 94 16.01 16.26 -0.77
N GLU A 95 16.11 17.56 -1.09
CA GLU A 95 15.28 18.58 -0.38
C GLU A 95 14.37 19.34 -1.36
N ARG A 96 14.80 19.57 -2.60
CA ARG A 96 14.04 20.35 -3.58
C ARG A 96 13.54 19.40 -4.67
N PHE A 97 12.22 19.27 -4.84
CA PHE A 97 11.57 18.45 -5.90
C PHE A 97 10.64 19.29 -6.78
N PRO A 98 11.19 20.12 -7.71
CA PRO A 98 10.39 21.04 -8.50
C PRO A 98 9.67 20.53 -9.76
N TYR A 99 9.85 19.26 -10.14
CA TYR A 99 9.54 18.76 -11.52
C TYR A 99 8.49 17.66 -11.40
N PRO A 100 7.21 18.02 -11.62
CA PRO A 100 6.13 17.06 -11.44
C PRO A 100 5.83 16.22 -12.68
N PHE A 101 5.34 15.03 -12.43
CA PHE A 101 4.78 14.13 -13.46
C PHE A 101 3.66 13.30 -12.84
N GLN A 102 2.81 12.75 -13.69
CA GLN A 102 1.57 12.07 -13.25
C GLN A 102 1.59 10.67 -13.82
N VAL A 103 1.20 9.73 -12.97
CA VAL A 103 1.01 8.31 -13.33
C VAL A 103 -0.49 8.09 -13.22
N VAL A 104 -1.17 7.96 -14.35
CA VAL A 104 -2.63 7.75 -14.36
C VAL A 104 -2.88 6.24 -14.43
N TYR A 105 -3.80 5.76 -13.61
CA TYR A 105 -4.28 4.36 -13.65
C TYR A 105 -5.77 4.36 -13.32
N ASP A 106 -6.29 3.20 -12.92
CA ASP A 106 -7.74 2.95 -12.67
C ASP A 106 -8.21 4.00 -11.65
N GLU A 107 -7.62 4.01 -10.46
CA GLU A 107 -7.88 5.02 -9.40
C GLU A 107 -7.05 6.28 -9.68
N GLY A 108 -7.46 7.06 -10.69
CA GLY A 108 -7.04 8.45 -10.95
C GLY A 108 -5.53 8.64 -11.13
N PRO A 109 -5.03 9.91 -11.09
CA PRO A 109 -3.61 10.20 -11.22
C PRO A 109 -2.85 10.21 -9.89
N LEU A 110 -1.66 9.62 -9.87
CA LEU A 110 -0.68 9.76 -8.76
C LEU A 110 0.28 10.84 -9.19
N TYR A 111 0.52 11.84 -8.33
CA TYR A 111 1.42 12.97 -8.66
C TYR A 111 2.74 12.73 -7.94
N VAL A 112 3.82 12.75 -8.71
CA VAL A 112 5.22 12.54 -8.26
C VAL A 112 6.03 13.78 -8.66
N PHE A 113 6.94 14.22 -7.77
CA PHE A 113 7.81 15.40 -7.97
C PHE A 113 9.28 14.94 -7.89
N SER A 114 10.00 15.24 -8.95
CA SER A 114 11.40 14.86 -9.15
C SER A 114 12.28 16.05 -8.82
N PRO A 115 13.48 15.83 -8.24
CA PRO A 115 14.43 16.91 -7.98
C PRO A 115 15.07 17.49 -9.24
N THR A 116 15.10 16.75 -10.36
CA THR A 116 15.70 17.28 -11.63
C THR A 116 14.80 16.96 -12.83
N GLU A 117 14.85 17.82 -13.84
CA GLU A 117 14.29 17.57 -15.19
C GLU A 117 14.77 16.22 -15.71
N GLU A 118 16.08 15.99 -15.62
CA GLU A 118 16.75 14.79 -16.19
C GLU A 118 16.16 13.55 -15.53
N LEU A 119 16.01 13.57 -14.22
CA LEU A 119 15.47 12.39 -13.51
C LEU A 119 13.99 12.22 -13.89
N ARG A 120 13.27 13.31 -14.13
CA ARG A 120 11.83 13.16 -14.50
C ARG A 120 11.75 12.56 -15.92
N LYS A 121 12.51 13.12 -16.86
CA LYS A 121 12.61 12.66 -18.27
C LYS A 121 12.93 11.16 -18.28
N ARG A 122 13.93 10.77 -17.49
CA ARG A 122 14.36 9.36 -17.35
C ARG A 122 13.18 8.50 -16.92
N TRP A 123 12.37 8.98 -15.95
CA TRP A 123 11.29 8.17 -15.34
C TRP A 123 10.12 8.04 -16.31
N ILE A 124 9.80 9.12 -17.00
CA ILE A 124 8.68 9.18 -17.99
C ILE A 124 9.02 8.28 -19.19
N HIS A 125 10.23 8.39 -19.77
CA HIS A 125 10.72 7.53 -20.89
C HIS A 125 10.66 6.05 -20.49
N GLN A 126 11.20 5.71 -19.33
CA GLN A 126 11.22 4.30 -18.91
C GLN A 126 9.79 3.79 -18.65
N LEU A 127 8.90 4.54 -18.02
CA LEU A 127 7.50 4.12 -17.76
C LEU A 127 6.71 3.99 -19.08
N LYS A 128 6.85 4.96 -20.00
CA LYS A 128 6.24 4.92 -21.36
C LYS A 128 6.71 3.62 -22.04
N ASN A 129 7.99 3.31 -21.88
CA ASN A 129 8.57 2.04 -22.38
C ASN A 129 7.76 0.86 -21.85
N VAL A 130 7.76 0.63 -20.54
CA VAL A 130 7.18 -0.58 -19.89
C VAL A 130 5.63 -0.63 -20.01
N ILE A 131 4.95 0.42 -20.48
CA ILE A 131 3.45 0.40 -20.56
C ILE A 131 3.01 0.30 -22.03
N ARG A 132 3.95 0.37 -22.97
CA ARG A 132 3.71 0.57 -24.43
C ARG A 132 2.62 -0.42 -24.93
N TYR A 133 2.66 -1.69 -24.48
CA TYR A 133 1.77 -2.78 -24.95
C TYR A 133 0.59 -2.98 -24.01
N ASN A 134 0.23 -1.96 -23.24
CA ASN A 134 -0.94 -2.00 -22.34
C ASN A 134 -2.21 -1.93 -23.18
N SER A 135 -3.29 -2.56 -22.72
CA SER A 135 -4.61 -2.58 -23.41
C SER A 135 -5.29 -1.21 -23.26
N ASP A 136 -5.30 -0.63 -22.06
CA ASP A 136 -6.22 0.49 -21.71
C ASP A 136 -5.57 1.85 -21.98
N LEU A 137 -4.47 1.94 -22.73
CA LEU A 137 -3.72 3.21 -22.89
C LEU A 137 -4.66 4.28 -23.45
N VAL A 138 -4.63 5.51 -22.92
CA VAL A 138 -5.59 6.60 -23.29
C VAL A 138 -4.89 7.60 -24.19
N GLN A 139 -5.65 8.44 -24.89
CA GLN A 139 -5.17 9.40 -25.94
C GLN A 139 -5.42 10.82 -25.45
N LYS A 140 -6.07 10.93 -24.28
CA LYS A 140 -6.41 12.22 -23.64
C LYS A 140 -5.82 12.23 -22.22
N TYR A 141 -5.56 13.42 -21.67
CA TYR A 141 -5.02 13.61 -20.31
C TYR A 141 -5.31 15.03 -19.81
N HIS A 142 -5.28 15.21 -18.48
CA HIS A 142 -5.34 16.53 -17.80
C HIS A 142 -3.92 17.07 -17.66
N PRO A 143 -3.56 18.11 -18.42
CA PRO A 143 -2.23 18.70 -18.29
C PRO A 143 -2.02 19.36 -16.91
N CYS A 144 -3.08 19.69 -16.17
CA CYS A 144 -3.01 20.42 -14.87
C CYS A 144 -3.39 19.48 -13.72
N PHE A 145 -3.17 19.95 -12.50
CA PHE A 145 -3.45 19.10 -11.33
C PHE A 145 -4.93 19.13 -11.00
N TRP A 146 -5.34 18.03 -10.41
CA TRP A 146 -6.64 17.90 -9.74
C TRP A 146 -6.39 18.46 -8.35
N ILE A 147 -6.96 19.62 -8.06
CA ILE A 147 -6.80 20.35 -6.76
C ILE A 147 -8.17 20.83 -6.27
N ASP A 148 -8.49 20.55 -5.00
CA ASP A 148 -9.72 21.01 -4.30
C ASP A 148 -10.94 20.58 -5.13
N GLY A 149 -11.04 19.29 -5.46
CA GLY A 149 -12.25 18.66 -6.03
C GLY A 149 -12.42 18.86 -7.54
N GLN A 150 -11.54 19.58 -8.22
CA GLN A 150 -11.64 19.81 -9.68
C GLN A 150 -10.25 19.73 -10.33
N TYR A 151 -10.16 19.32 -11.60
CA TYR A 151 -9.00 19.58 -12.48
C TYR A 151 -8.92 21.10 -12.68
N LEU A 152 -7.72 21.67 -12.67
CA LEU A 152 -7.51 23.13 -12.90
C LEU A 152 -7.53 23.41 -14.40
N CYS A 153 -7.43 22.35 -15.21
CA CYS A 153 -7.40 22.48 -16.69
C CYS A 153 -8.85 22.59 -17.19
N CYS A 154 -9.80 21.81 -16.68
CA CYS A 154 -11.15 21.65 -17.29
C CYS A 154 -12.30 21.69 -16.26
N SER A 155 -12.03 22.05 -15.00
CA SER A 155 -13.00 22.12 -13.87
C SER A 155 -13.80 20.83 -13.69
N GLN A 156 -13.51 19.78 -14.45
CA GLN A 156 -14.22 18.47 -14.30
C GLN A 156 -13.93 17.98 -12.88
N THR A 157 -14.94 17.46 -12.18
CA THR A 157 -14.84 17.12 -10.73
C THR A 157 -14.61 15.62 -10.50
N ALA A 158 -14.88 14.74 -11.46
CA ALA A 158 -14.50 13.31 -11.35
C ALA A 158 -12.97 13.19 -11.42
N LYS A 159 -12.36 12.34 -10.59
CA LYS A 159 -10.89 12.13 -10.59
C LYS A 159 -10.51 11.34 -11.84
N ASN A 160 -11.29 10.31 -12.17
CA ASN A 160 -11.07 9.45 -13.37
C ASN A 160 -11.80 10.05 -14.59
N ALA A 161 -12.12 11.36 -14.55
CA ALA A 161 -12.72 12.11 -15.69
C ALA A 161 -11.83 12.02 -16.91
N MET A 162 -12.43 11.82 -18.09
CA MET A 162 -11.73 11.77 -19.39
C MET A 162 -10.87 13.02 -19.50
N GLY A 163 -9.64 12.85 -20.01
CA GLY A 163 -8.62 13.90 -20.20
C GLY A 163 -9.13 14.99 -21.11
N CYS A 164 -8.84 16.23 -20.77
CA CYS A 164 -9.41 17.41 -21.44
C CYS A 164 -8.52 17.80 -22.62
N GLN A 165 -7.42 17.09 -22.79
CA GLN A 165 -6.35 17.44 -23.76
C GLN A 165 -5.91 16.14 -24.42
N ILE A 166 -5.63 16.18 -25.72
CA ILE A 166 -5.26 14.97 -26.50
C ILE A 166 -3.74 14.95 -26.64
N LEU A 167 -3.14 13.76 -26.49
CA LEU A 167 -1.67 13.53 -26.46
C LEU A 167 -1.08 13.66 -27.87
N GLU A 168 0.08 14.32 -28.00
CA GLU A 168 0.79 14.66 -29.27
C GLU A 168 1.98 13.73 -29.51
N ALA B 1 -11.69 6.19 13.18
CA ALA B 1 -12.40 7.24 12.38
C ALA B 1 -13.09 6.62 11.15
N ALA B 2 -12.58 6.85 9.94
CA ALA B 2 -13.11 6.28 8.67
C ALA B 2 -12.65 4.81 8.54
N VAL B 3 -13.54 3.91 8.12
CA VAL B 3 -13.25 2.45 8.00
C VAL B 3 -12.33 2.26 6.80
N ILE B 4 -11.06 1.94 7.03
CA ILE B 4 -10.07 1.72 5.95
C ILE B 4 -10.43 0.44 5.21
N LEU B 5 -10.69 -0.66 5.94
CA LEU B 5 -10.97 -2.00 5.36
C LEU B 5 -12.02 -2.73 6.20
N GLU B 6 -12.81 -3.57 5.54
CA GLU B 6 -13.92 -4.36 6.09
C GLU B 6 -13.99 -5.65 5.31
N SER B 7 -13.76 -6.78 5.94
CA SER B 7 -13.78 -8.09 5.27
C SER B 7 -14.28 -9.13 6.26
N ILE B 8 -14.72 -10.27 5.76
CA ILE B 8 -15.01 -11.50 6.54
C ILE B 8 -13.79 -12.40 6.38
N PHE B 9 -13.29 -12.88 7.50
CA PHE B 9 -12.15 -13.80 7.58
C PHE B 9 -12.50 -14.92 8.54
N LEU B 10 -11.83 -16.05 8.39
CA LEU B 10 -11.65 -17.10 9.43
C LEU B 10 -10.47 -16.74 10.33
N LYS B 11 -10.64 -16.83 11.64
CA LYS B 11 -9.56 -16.56 12.63
C LYS B 11 -9.48 -17.69 13.67
N ARG B 12 -8.26 -18.16 13.95
CA ARG B 12 -7.99 -19.14 15.05
C ARG B 12 -8.13 -18.40 16.38
N SER B 13 -9.02 -18.89 17.25
CA SER B 13 -9.29 -18.33 18.60
C SER B 13 -8.06 -18.51 19.51
N GLN B 14 -7.71 -17.49 20.31
CA GLN B 14 -6.52 -17.47 21.20
C GLN B 14 -6.85 -18.11 22.55
N ASN B 23 -9.60 -23.94 17.59
CA ASN B 23 -10.95 -23.57 17.10
C ASN B 23 -10.88 -22.31 16.21
N PHE B 24 -11.51 -22.36 15.04
CA PHE B 24 -11.56 -21.25 14.05
C PHE B 24 -12.97 -20.68 14.00
N LYS B 25 -13.10 -19.37 13.80
CA LYS B 25 -14.40 -18.65 13.77
C LYS B 25 -14.42 -17.67 12.59
N LYS B 26 -15.54 -17.63 11.87
CA LYS B 26 -15.79 -16.66 10.79
C LYS B 26 -16.29 -15.38 11.45
N CYS B 27 -15.56 -14.30 11.32
CA CYS B 27 -15.91 -13.01 11.96
C CYS B 27 -15.72 -11.88 10.95
N LEU B 28 -16.42 -10.77 11.18
CA LEU B 28 -16.32 -9.50 10.42
C LEU B 28 -15.20 -8.68 11.03
N PHE B 29 -14.19 -8.31 10.24
CA PHE B 29 -12.98 -7.59 10.68
C PHE B 29 -13.07 -6.16 10.16
N LEU B 30 -12.67 -5.16 10.97
CA LEU B 30 -12.67 -3.73 10.57
C LEU B 30 -11.33 -3.13 10.93
N LEU B 31 -10.82 -2.27 10.06
CA LEU B 31 -9.58 -1.52 10.30
C LEU B 31 -9.89 -0.05 10.11
N THR B 32 -9.63 0.72 11.15
CA THR B 32 -9.44 2.19 11.14
C THR B 32 -7.98 2.46 11.54
N VAL B 33 -7.55 3.70 11.50
CA VAL B 33 -6.16 4.09 11.85
C VAL B 33 -5.94 3.81 13.33
N HIS B 34 -7.02 3.76 14.14
CA HIS B 34 -6.91 3.62 15.61
C HIS B 34 -6.98 2.14 16.01
N LYS B 35 -7.92 1.37 15.44
CA LYS B 35 -8.19 -0.01 15.93
C LYS B 35 -8.31 -1.00 14.78
N LEU B 36 -8.02 -2.26 15.10
CA LEU B 36 -8.42 -3.47 14.35
C LEU B 36 -9.41 -4.24 15.22
N SER B 37 -10.69 -4.21 14.85
N SER B 37 -10.68 -4.23 14.83
CA SER B 37 -11.80 -4.87 15.59
CA SER B 37 -11.80 -4.87 15.58
C SER B 37 -12.37 -6.04 14.79
C SER B 37 -12.38 -6.04 14.78
N TYR B 38 -13.02 -6.96 15.50
CA TYR B 38 -13.70 -8.13 14.92
C TYR B 38 -15.06 -8.24 15.62
N TYR B 39 -16.08 -8.55 14.83
CA TYR B 39 -17.49 -8.68 15.25
C TYR B 39 -17.99 -10.06 14.83
N GLU B 40 -19.00 -10.55 15.52
CA GLU B 40 -19.88 -11.60 14.96
C GLU B 40 -20.48 -11.01 13.69
N TYR B 41 -20.73 -11.82 12.65
CA TYR B 41 -21.39 -11.30 11.42
C TYR B 41 -22.89 -11.63 11.47
N ASP B 42 -23.73 -10.63 11.25
CA ASP B 42 -25.19 -10.83 11.06
C ASP B 42 -25.48 -11.03 9.58
N PHE B 43 -25.47 -12.29 9.14
CA PHE B 43 -25.69 -12.71 7.74
C PHE B 43 -27.08 -12.25 7.27
N GLU B 44 -28.10 -12.82 7.90
CA GLU B 44 -29.54 -12.54 7.62
C GLU B 44 -29.73 -11.03 7.41
N ARG B 45 -29.23 -10.19 8.32
CA ARG B 45 -29.50 -8.74 8.26
C ARG B 45 -28.43 -8.03 7.44
N GLY B 46 -27.37 -8.75 7.06
CA GLY B 46 -26.29 -8.20 6.23
C GLY B 46 -25.57 -7.07 6.92
N ARG B 47 -25.21 -7.26 8.19
CA ARG B 47 -24.47 -6.23 8.97
C ARG B 47 -23.63 -6.90 10.06
N ARG B 48 -22.78 -6.12 10.73
CA ARG B 48 -22.01 -6.65 11.90
C ARG B 48 -22.95 -6.84 13.09
N GLY B 49 -22.64 -7.80 13.95
CA GLY B 49 -23.33 -8.01 15.23
C GLY B 49 -22.48 -7.51 16.39
N SER B 50 -22.34 -8.33 17.42
CA SER B 50 -21.68 -7.96 18.69
C SER B 50 -20.18 -7.88 18.45
N LYS B 51 -19.56 -6.75 18.83
CA LYS B 51 -18.08 -6.62 18.88
C LYS B 51 -17.56 -7.79 19.72
N LYS B 52 -16.63 -8.58 19.20
CA LYS B 52 -16.01 -9.70 19.96
C LYS B 52 -14.66 -9.26 20.53
N GLY B 53 -14.10 -8.13 20.08
CA GLY B 53 -12.77 -7.69 20.50
C GLY B 53 -12.12 -6.67 19.59
N SER B 54 -10.87 -6.32 19.92
CA SER B 54 -10.16 -5.10 19.49
C SER B 54 -8.66 -5.27 19.70
N ILE B 55 -7.84 -4.76 18.80
CA ILE B 55 -6.39 -4.56 19.03
C ILE B 55 -6.13 -3.10 18.68
N ASP B 56 -5.59 -2.32 19.63
CA ASP B 56 -5.07 -0.96 19.34
C ASP B 56 -3.97 -1.12 18.30
N VAL B 57 -4.02 -0.29 17.28
CA VAL B 57 -3.06 -0.35 16.16
C VAL B 57 -1.65 -0.19 16.75
N GLU B 58 -1.49 0.64 17.79
CA GLU B 58 -0.15 1.04 18.30
C GLU B 58 0.50 -0.12 19.07
N LYS B 59 -0.24 -1.17 19.43
CA LYS B 59 0.32 -2.39 20.07
C LYS B 59 0.79 -3.41 19.02
N ILE B 60 0.47 -3.20 17.76
CA ILE B 60 0.91 -4.14 16.69
C ILE B 60 2.37 -3.89 16.38
N THR B 61 3.17 -4.95 16.41
CA THR B 61 4.65 -4.93 16.21
C THR B 61 4.99 -5.41 14.81
N CYS B 62 4.17 -6.25 14.19
CA CYS B 62 4.50 -6.98 12.95
C CYS B 62 3.24 -7.54 12.27
N VAL B 63 3.19 -7.48 10.94
CA VAL B 63 2.12 -8.08 10.10
C VAL B 63 2.78 -8.69 8.87
N GLU B 64 2.56 -9.99 8.62
CA GLU B 64 3.15 -10.72 7.47
C GLU B 64 2.29 -11.93 7.13
N THR B 65 2.62 -12.64 6.07
CA THR B 65 2.01 -13.92 5.72
C THR B 65 2.58 -15.00 6.64
N VAL B 66 1.92 -16.13 6.65
CA VAL B 66 2.32 -17.36 7.37
C VAL B 66 2.42 -18.44 6.29
N VAL B 67 3.43 -19.30 6.42
CA VAL B 67 3.52 -20.53 5.60
C VAL B 67 2.23 -21.30 5.87
N PRO B 68 1.47 -21.69 4.80
CA PRO B 68 0.21 -22.40 4.99
C PRO B 68 0.42 -23.80 5.60
N GLU B 69 -0.59 -24.30 6.31
CA GLU B 69 -0.64 -25.71 6.81
C GLU B 69 -0.41 -26.67 5.64
N LYS B 70 0.01 -27.91 5.94
CA LYS B 70 0.31 -28.95 4.92
C LYS B 70 -0.96 -29.73 4.57
N ASN B 71 -1.81 -30.05 5.55
CA ASN B 71 -3.07 -30.84 5.36
C ASN B 71 -4.26 -30.09 5.94
N PRO B 72 -4.64 -28.93 5.39
CA PRO B 72 -5.74 -28.15 5.94
C PRO B 72 -7.11 -28.79 5.63
N PRO B 73 -8.13 -28.57 6.49
CA PRO B 73 -9.48 -29.04 6.20
C PRO B 73 -10.01 -28.31 4.97
N PRO B 74 -11.09 -28.81 4.33
CA PRO B 74 -11.59 -28.21 3.09
C PRO B 74 -11.81 -26.69 3.21
N GLU B 75 -12.32 -26.30 4.38
CA GLU B 75 -12.49 -24.91 4.87
C GLU B 75 -11.25 -24.04 4.53
N ARG B 76 -10.04 -24.61 4.41
CA ARG B 76 -8.80 -23.82 4.15
C ARG B 76 -7.89 -24.47 3.10
N GLN B 77 -8.40 -25.23 2.12
CA GLN B 77 -7.56 -25.78 1.03
C GLN B 77 -7.31 -24.73 -0.08
N ILE B 78 -6.04 -24.50 -0.40
CA ILE B 78 -5.61 -23.61 -1.51
C ILE B 78 -6.02 -24.30 -2.81
N PRO B 79 -6.84 -23.67 -3.67
CA PRO B 79 -7.39 -24.35 -4.85
C PRO B 79 -6.43 -24.46 -6.05
N MET B 88 -13.91 -14.56 -9.75
CA MET B 88 -14.23 -14.86 -8.32
C MET B 88 -15.65 -15.42 -8.22
N GLU B 89 -15.93 -16.22 -7.19
CA GLU B 89 -17.29 -16.77 -6.93
C GLU B 89 -17.78 -16.34 -5.55
N GLN B 90 -19.05 -15.95 -5.51
CA GLN B 90 -19.70 -15.33 -4.33
C GLN B 90 -19.64 -16.29 -3.15
N ILE B 91 -19.75 -17.60 -3.38
CA ILE B 91 -19.83 -18.59 -2.27
C ILE B 91 -18.43 -18.88 -1.70
N SER B 92 -17.43 -19.11 -2.56
CA SER B 92 -16.09 -19.59 -2.15
C SER B 92 -15.45 -18.49 -1.30
N ILE B 93 -15.69 -17.23 -1.68
CA ILE B 93 -15.12 -16.04 -1.00
C ILE B 93 -15.76 -15.87 0.39
N ILE B 94 -16.74 -16.71 0.76
CA ILE B 94 -17.23 -16.75 2.16
C ILE B 94 -17.19 -18.18 2.74
N GLU B 95 -16.80 -19.21 1.99
CA GLU B 95 -16.68 -20.59 2.55
C GLU B 95 -15.21 -21.02 2.70
N ARG B 96 -14.32 -20.58 1.80
CA ARG B 96 -12.93 -21.09 1.65
C ARG B 96 -11.95 -20.02 2.13
N PHE B 97 -11.07 -20.37 3.08
CA PHE B 97 -10.18 -19.36 3.74
C PHE B 97 -8.73 -19.86 3.73
N PRO B 98 -8.10 -19.94 2.54
CA PRO B 98 -6.81 -20.64 2.38
C PRO B 98 -5.50 -19.83 2.54
N TYR B 99 -5.58 -18.51 2.60
CA TYR B 99 -4.42 -17.58 2.66
C TYR B 99 -4.27 -17.00 4.07
N PRO B 100 -3.38 -17.58 4.93
CA PRO B 100 -3.14 -17.05 6.26
C PRO B 100 -2.18 -15.87 6.29
N PHE B 101 -2.46 -14.91 7.16
CA PHE B 101 -1.51 -13.89 7.65
C PHE B 101 -1.58 -13.80 9.19
N GLN B 102 -0.61 -13.09 9.76
CA GLN B 102 -0.42 -12.98 11.23
C GLN B 102 -0.32 -11.51 11.58
N VAL B 103 -1.04 -11.09 12.62
CA VAL B 103 -0.95 -9.74 13.23
C VAL B 103 -0.32 -9.95 14.60
N VAL B 104 0.91 -9.52 14.74
CA VAL B 104 1.70 -9.74 15.98
C VAL B 104 1.63 -8.53 16.90
N TYR B 105 1.37 -8.80 18.18
CA TYR B 105 1.36 -7.77 19.24
C TYR B 105 1.97 -8.38 20.51
N ASP B 106 2.28 -7.54 21.49
CA ASP B 106 2.84 -7.98 22.78
C ASP B 106 2.49 -9.43 23.15
N GLU B 107 1.22 -9.83 23.05
CA GLU B 107 0.75 -11.17 23.52
C GLU B 107 1.16 -12.29 22.54
N GLY B 108 1.65 -11.94 21.33
CA GLY B 108 2.00 -12.92 20.30
C GLY B 108 1.18 -12.73 19.01
N PRO B 109 0.96 -13.80 18.21
CA PRO B 109 0.32 -13.67 16.92
C PRO B 109 -1.18 -13.95 16.90
N LEU B 110 -1.96 -13.09 16.23
CA LEU B 110 -3.34 -13.43 15.79
C LEU B 110 -3.27 -13.96 14.35
N TYR B 111 -3.77 -15.17 14.13
CA TYR B 111 -3.77 -15.87 12.81
C TYR B 111 -5.13 -15.66 12.14
N VAL B 112 -5.11 -14.93 11.02
CA VAL B 112 -6.30 -14.59 10.20
C VAL B 112 -6.18 -15.26 8.82
N PHE B 113 -7.25 -15.89 8.34
CA PHE B 113 -7.32 -16.58 7.03
C PHE B 113 -8.21 -15.81 6.04
N SER B 114 -7.60 -15.37 4.91
CA SER B 114 -8.26 -14.67 3.78
C SER B 114 -8.71 -15.65 2.73
N PRO B 115 -9.89 -15.40 2.08
CA PRO B 115 -10.39 -16.24 1.00
C PRO B 115 -9.58 -16.08 -0.30
N THR B 116 -9.03 -14.90 -0.58
CA THR B 116 -8.18 -14.64 -1.76
C THR B 116 -6.79 -14.15 -1.36
N GLU B 117 -5.78 -14.36 -2.24
CA GLU B 117 -4.43 -13.73 -2.12
C GLU B 117 -4.54 -12.22 -2.23
N GLU B 118 -5.44 -11.70 -3.06
CA GLU B 118 -5.49 -10.24 -3.36
C GLU B 118 -5.91 -9.51 -2.08
N LEU B 119 -6.94 -10.04 -1.41
CA LEU B 119 -7.51 -9.46 -0.15
C LEU B 119 -6.45 -9.57 0.95
N ARG B 120 -5.78 -10.72 1.07
CA ARG B 120 -4.67 -10.87 2.04
C ARG B 120 -3.65 -9.75 1.83
N LYS B 121 -3.25 -9.54 0.59
CA LYS B 121 -2.20 -8.56 0.19
C LYS B 121 -2.69 -7.16 0.54
N ARG B 122 -3.98 -6.89 0.34
CA ARG B 122 -4.60 -5.58 0.63
C ARG B 122 -4.51 -5.30 2.14
N TRP B 123 -4.94 -6.28 2.94
CA TRP B 123 -4.93 -6.15 4.42
C TRP B 123 -3.52 -6.01 4.97
N ILE B 124 -2.55 -6.77 4.45
CA ILE B 124 -1.11 -6.60 4.85
C ILE B 124 -0.59 -5.20 4.43
N HIS B 125 -0.88 -4.68 3.23
CA HIS B 125 -0.39 -3.32 2.82
C HIS B 125 -0.98 -2.29 3.79
N GLN B 126 -2.31 -2.26 3.97
CA GLN B 126 -2.96 -1.19 4.78
C GLN B 126 -2.50 -1.27 6.24
N LEU B 127 -2.38 -2.46 6.81
CA LEU B 127 -1.90 -2.65 8.20
C LEU B 127 -0.49 -2.09 8.34
N LYS B 128 0.40 -2.40 7.40
CA LYS B 128 1.77 -1.85 7.41
C LYS B 128 1.71 -0.33 7.37
N ASN B 129 0.85 0.24 6.52
CA ASN B 129 0.66 1.72 6.46
C ASN B 129 0.32 2.24 7.85
N VAL B 130 -0.57 1.60 8.60
CA VAL B 130 -1.15 2.25 9.82
C VAL B 130 -0.24 2.02 11.03
N ILE B 131 0.63 1.02 11.01
CA ILE B 131 1.56 0.74 12.16
C ILE B 131 2.90 1.42 11.88
N ARG B 132 3.01 2.08 10.74
CA ARG B 132 4.25 2.71 10.22
C ARG B 132 5.02 3.38 11.36
N TYR B 133 4.36 4.24 12.15
CA TYR B 133 5.02 5.16 13.13
C TYR B 133 5.06 4.54 14.54
N ASN B 134 4.78 3.23 14.69
CA ASN B 134 4.80 2.51 16.00
C ASN B 134 6.24 2.31 16.46
N SER B 135 6.44 2.32 17.78
CA SER B 135 7.75 2.31 18.46
C SER B 135 8.28 0.88 18.60
N ASP B 136 7.40 -0.10 18.82
CA ASP B 136 7.80 -1.50 19.16
C ASP B 136 7.86 -2.36 17.89
N LEU B 137 7.81 -1.73 16.71
CA LEU B 137 7.95 -2.44 15.41
C LEU B 137 9.24 -3.24 15.48
N VAL B 138 9.16 -4.50 15.10
CA VAL B 138 10.26 -5.50 15.17
C VAL B 138 10.78 -5.76 13.76
N GLN B 139 11.98 -6.30 13.67
CA GLN B 139 12.72 -6.57 12.41
C GLN B 139 12.75 -8.07 12.12
N LYS B 140 12.23 -8.93 13.01
CA LYS B 140 12.20 -10.41 12.83
C LYS B 140 10.80 -10.95 13.12
N TYR B 141 10.50 -12.16 12.63
CA TYR B 141 9.17 -12.81 12.69
C TYR B 141 9.32 -14.33 12.55
N HIS B 142 8.27 -15.08 12.92
CA HIS B 142 8.17 -16.54 12.72
C HIS B 142 7.35 -16.80 11.46
N PRO B 143 7.97 -17.36 10.40
CA PRO B 143 7.28 -17.59 9.13
C PRO B 143 6.21 -18.69 9.27
N CYS B 144 6.30 -19.49 10.33
CA CYS B 144 5.39 -20.63 10.54
C CYS B 144 4.48 -20.42 11.76
N PHE B 145 3.45 -21.26 11.84
CA PHE B 145 2.39 -21.25 12.87
C PHE B 145 2.97 -21.72 14.20
N TRP B 146 2.56 -21.06 15.29
CA TRP B 146 2.62 -21.67 16.65
C TRP B 146 1.54 -22.75 16.71
N ILE B 147 1.93 -24.02 16.90
CA ILE B 147 1.03 -25.21 16.89
C ILE B 147 1.54 -26.20 17.94
N ASP B 148 0.68 -26.61 18.87
CA ASP B 148 0.95 -27.70 19.85
C ASP B 148 2.15 -27.29 20.71
N GLY B 149 2.21 -26.02 21.14
CA GLY B 149 3.15 -25.57 22.18
C GLY B 149 4.49 -25.09 21.63
N GLN B 150 4.72 -25.19 20.33
CA GLN B 150 5.91 -24.56 19.69
C GLN B 150 5.54 -23.86 18.38
N TYR B 151 6.43 -22.98 17.93
CA TYR B 151 6.57 -22.55 16.52
C TYR B 151 7.23 -23.65 15.70
N LEU B 152 6.65 -23.99 14.54
CA LEU B 152 7.18 -25.02 13.61
C LEU B 152 8.49 -24.55 12.99
N CYS B 153 8.64 -23.24 12.80
CA CYS B 153 9.76 -22.69 12.01
C CYS B 153 11.02 -22.91 12.85
N CYS B 154 10.95 -22.69 14.17
CA CYS B 154 12.15 -22.57 15.02
C CYS B 154 12.08 -23.47 16.28
N SER B 155 10.96 -24.12 16.58
CA SER B 155 10.74 -24.96 17.78
C SER B 155 10.69 -24.15 19.08
N GLN B 156 10.85 -22.82 19.04
CA GLN B 156 10.73 -21.96 20.26
C GLN B 156 9.32 -22.19 20.83
N THR B 157 9.21 -22.35 22.15
CA THR B 157 7.95 -22.69 22.86
C THR B 157 7.22 -21.42 23.32
N ALA B 158 7.94 -20.33 23.59
CA ALA B 158 7.38 -19.01 23.97
C ALA B 158 6.64 -18.36 22.79
N LYS B 159 5.33 -18.06 22.96
CA LYS B 159 4.47 -17.37 21.96
C LYS B 159 5.01 -15.97 21.63
N ASN B 160 5.74 -15.35 22.54
CA ASN B 160 6.35 -14.01 22.37
C ASN B 160 7.86 -14.15 22.19
N ALA B 161 8.35 -15.31 21.75
CA ALA B 161 9.77 -15.46 21.36
C ALA B 161 10.11 -14.53 20.18
N MET B 162 11.38 -14.12 20.11
CA MET B 162 11.93 -13.35 18.98
C MET B 162 11.83 -14.21 17.73
N GLY B 163 11.53 -13.58 16.59
CA GLY B 163 11.37 -14.21 15.28
C GLY B 163 12.66 -14.85 14.83
N CYS B 164 12.57 -16.05 14.24
CA CYS B 164 13.69 -16.86 13.67
C CYS B 164 14.17 -16.26 12.35
N GLN B 165 13.33 -15.47 11.68
CA GLN B 165 13.62 -14.95 10.31
C GLN B 165 13.57 -13.44 10.36
N ILE B 166 14.55 -12.77 9.74
CA ILE B 166 14.62 -11.29 9.62
C ILE B 166 13.68 -10.87 8.50
N LEU B 167 13.05 -9.70 8.63
CA LEU B 167 12.13 -9.13 7.62
C LEU B 167 12.94 -8.44 6.52
N GLU B 168 12.67 -8.74 5.25
CA GLU B 168 13.37 -8.17 4.06
C GLU B 168 12.33 -7.44 3.19
N ASN B 169 12.68 -6.27 2.64
CA ASN B 169 11.75 -5.42 1.83
C ASN B 169 12.24 -5.28 0.40
#